data_1DQD
#
_entry.id   1DQD
#
_cell.length_a   76.140
_cell.length_b   133.740
_cell.length_c   37.460
_cell.angle_alpha   90.00
_cell.angle_beta   90.00
_cell.angle_gamma   90.00
#
_symmetry.space_group_name_H-M   'P 21 21 2'
#
loop_
_entity.id
_entity.type
_entity.pdbx_description
1 polymer 'FAB HGR-2 F6'
2 polymer 'FAB HGR-2 F6'
3 water water
#
loop_
_entity_poly.entity_id
_entity_poly.type
_entity_poly.pdbx_seq_one_letter_code
_entity_poly.pdbx_strand_id
1 'polypeptide(L)'
;AAQPAMADIVLSQSPAIMSASPGEKVTITCSASSSVSYMHWFQQKPGTSPKLCIYTTSNLASGVPARFSGSGSGTSYSLT
ISRMEAEDAATYYCQQRSTYPPTFGSGTKLEIKRADAAPTVSIFPPSSEQLTSGGASVVCFLNNFYPRDINVKWKIDGSE
RQNGVLNSWTDQDSKDSTYSMSSTLTLTKDEYERHNSYTCEATHKTSTSPIVKSFNRNECA
;
L
2 'polypeptide(L)'
;EVQLQESGPSLVKPSQTLSLTCSVTGDSITSGYWNWIRKFPGNKLEYMGYISYSGSTYYNPSLKSRLSITRDTSRNQYYL
QLKSVTPEDTATYYCASPPGYYGSGPYAMDYWGQGTSVTVSSAKTTPPSVYPLAPGSAAQTNSMVTLGCLVKGYFPEPVT
VTWNSGSLSSGVHTFPAVLQSDLYTLSSSVTVPSSTWPSETVTCNVAHPASSTKVDKKISPG
;
H
#
# COMPACT_ATOMS: atom_id res chain seq x y z
N ASP A 8 -4.83 9.90 25.42
CA ASP A 8 -4.28 11.05 24.67
C ASP A 8 -2.80 11.33 24.71
N ILE A 9 -1.92 10.40 25.06
CA ILE A 9 -0.50 10.70 24.95
C ILE A 9 -0.21 10.80 23.46
N VAL A 10 0.43 11.87 22.99
CA VAL A 10 0.71 11.99 21.56
C VAL A 10 2.14 11.48 21.31
N LEU A 11 2.24 10.56 20.38
CA LEU A 11 3.55 10.01 20.03
C LEU A 11 4.03 10.58 18.70
N SER A 12 4.95 11.52 18.82
CA SER A 12 5.60 12.13 17.66
C SER A 12 6.82 11.31 17.27
N GLN A 13 6.86 10.79 16.06
CA GLN A 13 7.98 9.96 15.60
C GLN A 13 8.80 10.61 14.50
N SER A 14 10.09 10.28 14.41
CA SER A 14 10.96 10.85 13.41
C SER A 14 12.21 10.01 13.13
N PRO A 15 12.70 10.10 11.89
CA PRO A 15 12.04 10.83 10.84
C PRO A 15 10.86 10.04 10.29
N ALA A 16 10.03 10.67 9.46
CA ALA A 16 8.87 10.03 8.91
C ALA A 16 9.26 9.01 7.85
N ILE A 17 10.25 9.29 7.00
CA ILE A 17 10.70 8.37 5.98
C ILE A 17 12.23 8.51 5.86
N MET A 18 12.93 7.47 5.44
CA MET A 18 14.36 7.59 5.25
C MET A 18 14.94 6.33 4.58
N SER A 19 16.03 6.58 3.87
CA SER A 19 16.77 5.56 3.16
C SER A 19 18.17 5.51 3.78
N ALA A 20 18.65 4.32 4.03
CA ALA A 20 19.92 3.99 4.63
C ALA A 20 20.61 2.90 3.81
N SER A 21 21.91 3.07 3.62
CA SER A 21 22.67 2.07 2.87
C SER A 21 22.87 0.85 3.74
N PRO A 22 23.15 -0.27 3.09
CA PRO A 22 23.47 -1.50 3.80
C PRO A 22 24.67 -1.23 4.70
N GLY A 23 24.57 -1.51 5.99
CA GLY A 23 25.67 -1.28 6.92
C GLY A 23 25.61 -0.01 7.73
N GLU A 24 24.79 0.96 7.31
CA GLU A 24 24.63 2.23 8.01
C GLU A 24 23.96 2.09 9.36
N LYS A 25 24.28 2.98 10.28
CA LYS A 25 23.69 3.04 11.61
C LYS A 25 22.42 3.87 11.45
N VAL A 26 21.30 3.45 12.03
CA VAL A 26 20.04 4.16 11.90
C VAL A 26 19.38 4.42 13.26
N THR A 27 18.94 5.66 13.46
CA THR A 27 18.24 6.00 14.70
C THR A 27 16.88 6.63 14.44
N ILE A 28 15.87 6.12 15.13
CA ILE A 28 14.50 6.57 15.00
C ILE A 28 14.06 7.04 16.39
N THR A 29 13.46 8.21 16.45
CA THR A 29 13.04 8.74 17.75
C THR A 29 11.52 8.77 17.82
N CYS A 30 11.03 8.71 19.05
CA CYS A 30 9.63 8.78 19.38
C CYS A 30 9.48 9.69 20.61
N SER A 31 8.81 10.81 20.41
CA SER A 31 8.64 11.73 21.52
C SER A 31 7.20 11.82 21.97
N ALA A 32 6.99 11.64 23.25
CA ALA A 32 5.67 11.65 23.86
C ALA A 32 5.25 12.99 24.45
N SER A 33 3.92 13.13 24.46
CA SER A 33 3.18 14.30 24.92
C SER A 33 3.33 14.47 26.43
N SER A 34 3.42 13.32 27.08
CA SER A 34 3.57 13.19 28.50
C SER A 34 4.38 11.92 28.80
N SER A 35 4.93 11.89 30.02
CA SER A 35 5.73 10.75 30.46
C SER A 35 4.98 9.44 30.31
N VAL A 36 5.68 8.42 29.88
CA VAL A 36 5.14 7.08 29.72
C VAL A 36 6.15 6.20 30.46
N SER A 37 5.81 5.09 31.05
CA SER A 37 6.76 4.26 31.77
C SER A 37 7.71 3.56 30.79
N TYR A 38 7.27 3.10 29.63
CA TYR A 38 8.11 2.43 28.67
C TYR A 38 7.54 2.73 27.27
N MET A 39 8.30 2.35 26.26
CA MET A 39 7.95 2.46 24.86
C MET A 39 8.19 1.10 24.20
N HIS A 40 7.17 0.62 23.53
CA HIS A 40 7.27 -0.61 22.74
C HIS A 40 7.44 -0.18 21.28
N TRP A 41 8.09 -1.01 20.48
CA TRP A 41 8.31 -0.74 19.07
C TRP A 41 7.84 -1.96 18.25
N PHE A 42 7.14 -1.69 17.14
CA PHE A 42 6.56 -2.67 16.25
C PHE A 42 7.14 -2.52 14.85
N GLN A 43 7.26 -3.62 14.12
CA GLN A 43 7.79 -3.65 12.77
C GLN A 43 6.75 -4.16 11.77
N GLN A 44 6.59 -3.47 10.64
CA GLN A 44 5.64 -3.96 9.65
C GLN A 44 6.21 -3.94 8.24
N LYS A 45 6.42 -5.11 7.65
CA LYS A 45 6.91 -5.23 6.28
C LYS A 45 5.73 -5.38 5.32
N PRO A 46 5.86 -4.91 4.08
CA PRO A 46 4.81 -4.98 3.08
C PRO A 46 4.36 -6.41 2.90
N GLY A 47 3.10 -6.66 3.21
CA GLY A 47 2.51 -7.99 3.13
C GLY A 47 2.33 -8.63 4.50
N THR A 48 2.96 -8.12 5.56
CA THR A 48 2.83 -8.70 6.89
C THR A 48 2.09 -7.73 7.82
N SER A 49 1.59 -8.27 8.93
CA SER A 49 0.93 -7.44 9.95
C SER A 49 2.07 -6.92 10.83
N PRO A 50 1.77 -5.98 11.71
CA PRO A 50 2.77 -5.40 12.60
C PRO A 50 3.27 -6.48 13.56
N LYS A 51 4.55 -6.50 13.90
CA LYS A 51 5.13 -7.53 14.75
C LYS A 51 5.95 -6.86 15.85
N LEU A 52 5.78 -7.31 17.08
CA LEU A 52 6.57 -6.71 18.17
C LEU A 52 8.06 -6.79 17.82
N CYS A 53 8.75 -5.66 17.93
CA CYS A 53 10.17 -5.58 17.64
C CYS A 53 10.98 -5.38 18.91
N ILE A 54 10.54 -4.42 19.71
CA ILE A 54 11.23 -4.08 20.95
C ILE A 54 10.16 -3.95 22.04
N TYR A 55 10.45 -4.66 23.12
CA TYR A 55 9.54 -4.72 24.25
C TYR A 55 10.10 -3.91 25.40
N THR A 56 9.25 -3.19 26.12
CA THR A 56 9.62 -2.42 27.27
C THR A 56 10.90 -1.65 27.10
N THR A 57 10.93 -0.75 26.13
CA THR A 57 12.01 0.17 25.89
C THR A 57 13.29 -0.45 25.33
N SER A 58 13.82 -1.54 25.85
CA SER A 58 15.11 -2.03 25.39
C SER A 58 15.18 -3.53 25.22
N ASN A 59 14.07 -4.24 25.43
CA ASN A 59 14.16 -5.69 25.29
C ASN A 59 13.80 -6.23 23.92
N LEU A 60 14.74 -6.93 23.29
CA LEU A 60 14.57 -7.59 22.01
C LEU A 60 13.49 -8.67 22.09
N ALA A 61 12.51 -8.56 21.21
CA ALA A 61 11.41 -9.51 21.12
C ALA A 61 11.80 -10.70 20.26
N SER A 62 11.17 -11.83 20.56
CA SER A 62 11.40 -13.08 19.81
C SER A 62 11.53 -12.78 18.33
N GLY A 63 12.51 -13.40 17.68
CA GLY A 63 12.73 -13.28 16.26
C GLY A 63 13.41 -12.03 15.76
N VAL A 64 13.82 -11.12 16.63
CA VAL A 64 14.50 -9.89 16.18
C VAL A 64 15.99 -10.04 16.45
N PRO A 65 16.79 -9.70 15.46
CA PRO A 65 18.23 -9.81 15.50
C PRO A 65 18.87 -8.84 16.48
N ALA A 66 20.11 -9.15 16.86
CA ALA A 66 20.83 -8.38 17.88
C ALA A 66 21.36 -7.03 17.42
N ARG A 67 21.20 -6.64 16.16
CA ARG A 67 21.63 -5.32 15.70
C ARG A 67 20.63 -4.25 16.14
N PHE A 68 19.47 -4.63 16.64
CA PHE A 68 18.49 -3.64 17.07
C PHE A 68 18.67 -3.33 18.56
N SER A 69 18.21 -2.18 19.00
CA SER A 69 18.17 -1.90 20.43
C SER A 69 17.30 -0.66 20.63
N GLY A 70 16.90 -0.40 21.85
CA GLY A 70 16.09 0.77 22.17
C GLY A 70 16.66 1.39 23.44
N SER A 71 16.26 2.61 23.72
CA SER A 71 16.69 3.31 24.91
C SER A 71 15.71 4.48 25.14
N GLY A 72 15.91 5.18 26.23
CA GLY A 72 15.12 6.34 26.60
C GLY A 72 14.36 6.18 27.90
N SER A 73 13.60 7.22 28.25
CA SER A 73 12.71 7.20 29.40
C SER A 73 11.94 8.53 29.44
N GLY A 74 10.95 8.61 30.31
CA GLY A 74 10.14 9.83 30.36
C GLY A 74 9.45 10.04 29.01
N THR A 75 9.78 11.13 28.34
CA THR A 75 9.17 11.44 27.06
C THR A 75 10.11 11.34 25.86
N SER A 76 11.28 10.72 25.98
CA SER A 76 12.19 10.61 24.85
C SER A 76 12.81 9.22 24.72
N TYR A 77 12.39 8.56 23.63
CA TYR A 77 12.80 7.19 23.37
C TYR A 77 13.36 7.06 21.96
N SER A 78 14.16 6.03 21.73
CA SER A 78 14.67 5.81 20.38
C SER A 78 14.87 4.33 20.11
N LEU A 79 14.91 3.99 18.82
CA LEU A 79 15.18 2.63 18.41
C LEU A 79 16.38 2.73 17.46
N THR A 80 17.27 1.75 17.57
CA THR A 80 18.50 1.77 16.81
C THR A 80 18.95 0.46 16.17
N ILE A 81 19.25 0.58 14.88
CA ILE A 81 19.82 -0.54 14.15
C ILE A 81 21.33 -0.27 14.04
N SER A 82 22.17 -1.12 14.61
CA SER A 82 23.60 -0.85 14.52
C SER A 82 24.06 -0.84 13.06
N ARG A 83 23.72 -1.86 12.29
CA ARG A 83 24.16 -1.97 10.91
C ARG A 83 22.97 -2.33 9.99
N MET A 84 22.53 -1.41 9.14
CA MET A 84 21.38 -1.65 8.28
C MET A 84 21.49 -2.87 7.36
N GLU A 85 20.50 -3.75 7.47
CA GLU A 85 20.41 -4.89 6.55
C GLU A 85 19.23 -4.67 5.61
N ALA A 86 19.25 -5.24 4.40
CA ALA A 86 18.15 -5.04 3.46
C ALA A 86 16.83 -5.49 4.06
N GLU A 87 16.78 -6.61 4.76
CA GLU A 87 15.56 -7.11 5.37
C GLU A 87 14.98 -6.20 6.46
N ASP A 88 15.74 -5.21 6.95
CA ASP A 88 15.28 -4.27 7.94
C ASP A 88 14.30 -3.28 7.29
N ALA A 89 14.34 -3.20 5.96
CA ALA A 89 13.44 -2.30 5.24
C ALA A 89 11.99 -2.51 5.65
N ALA A 90 11.37 -1.49 6.23
CA ALA A 90 9.99 -1.63 6.66
C ALA A 90 9.44 -0.37 7.33
N THR A 91 8.25 -0.46 7.88
CA THR A 91 7.70 0.65 8.65
C THR A 91 7.74 0.31 10.14
N TYR A 92 8.35 1.22 10.89
CA TYR A 92 8.45 1.01 12.35
C TYR A 92 7.46 1.83 13.15
N TYR A 93 6.80 1.32 14.18
CA TYR A 93 5.89 2.11 14.99
C TYR A 93 6.27 2.04 16.47
N CYS A 94 6.40 3.20 17.08
CA CYS A 94 6.61 3.26 18.53
C CYS A 94 5.21 3.20 19.16
N GLN A 95 5.08 2.53 20.30
CA GLN A 95 3.78 2.46 20.96
C GLN A 95 3.94 2.61 22.47
N GLN A 96 2.91 3.19 23.07
CA GLN A 96 2.88 3.42 24.50
C GLN A 96 1.56 2.80 24.99
N ARG A 97 1.68 2.18 26.16
CA ARG A 97 0.48 1.68 26.81
C ARG A 97 0.58 2.15 28.25
N SER A 98 1.35 3.11 28.73
CA SER A 98 1.24 3.40 30.17
C SER A 98 -0.05 4.13 30.48
N THR A 99 -0.64 4.84 29.53
CA THR A 99 -1.92 5.53 29.81
C THR A 99 -2.95 5.17 28.76
N TYR A 100 -4.19 4.90 29.11
CA TYR A 100 -5.22 4.56 28.14
C TYR A 100 -5.89 5.82 27.60
N PRO A 101 -6.14 5.80 26.29
CA PRO A 101 -5.84 4.67 25.44
C PRO A 101 -4.41 4.51 24.98
N PRO A 102 -4.06 3.27 24.66
CA PRO A 102 -2.75 2.98 24.08
C PRO A 102 -2.67 3.68 22.71
N THR A 103 -1.59 4.41 22.51
CA THR A 103 -1.37 5.15 21.29
C THR A 103 -0.08 4.75 20.57
N PHE A 104 -0.11 5.00 19.28
CA PHE A 104 0.95 4.70 18.36
C PHE A 104 1.46 5.98 17.68
N GLY A 105 2.75 5.91 17.36
CA GLY A 105 3.44 7.01 16.66
C GLY A 105 2.95 6.98 15.22
N SER A 106 3.27 7.99 14.42
CA SER A 106 2.88 8.08 13.03
C SER A 106 3.63 7.10 12.14
N GLY A 107 4.76 6.59 12.59
CA GLY A 107 5.56 5.62 11.90
C GLY A 107 6.77 6.08 11.14
N THR A 108 7.79 5.19 11.07
CA THR A 108 8.97 5.55 10.27
C THR A 108 9.07 4.56 9.10
N LYS A 109 8.92 5.08 7.89
CA LYS A 109 9.08 4.22 6.70
C LYS A 109 10.58 4.17 6.42
N LEU A 110 11.22 3.05 6.62
CA LEU A 110 12.65 2.89 6.41
C LEU A 110 12.91 2.16 5.09
N GLU A 111 13.53 2.85 4.13
CA GLU A 111 13.78 2.32 2.81
C GLU A 111 15.26 1.98 2.62
N ILE A 112 15.58 1.24 1.56
CA ILE A 112 16.96 0.91 1.25
C ILE A 112 17.55 1.98 0.34
N LYS A 113 18.75 2.49 0.62
CA LYS A 113 19.38 3.44 -0.30
C LYS A 113 20.21 2.63 -1.30
N ARG A 114 20.18 3.02 -2.55
CA ARG A 114 20.91 2.32 -3.61
C ARG A 114 21.42 3.33 -4.65
N ALA A 115 22.04 2.91 -5.72
CA ALA A 115 22.54 3.83 -6.73
C ALA A 115 21.40 4.57 -7.45
N ASP A 116 21.65 5.84 -7.76
CA ASP A 116 20.69 6.65 -8.48
C ASP A 116 20.45 5.97 -9.83
N ALA A 117 19.24 6.16 -10.32
CA ALA A 117 18.87 5.58 -11.61
C ALA A 117 17.80 6.51 -12.16
N ALA A 118 17.96 6.89 -13.42
CA ALA A 118 16.98 7.78 -14.04
C ALA A 118 15.79 6.89 -14.38
N PRO A 119 14.62 7.51 -14.44
CA PRO A 119 13.41 6.75 -14.74
C PRO A 119 13.32 6.32 -16.19
N THR A 120 12.94 5.07 -16.46
CA THR A 120 12.74 4.66 -17.85
C THR A 120 11.31 5.14 -18.12
N VAL A 121 11.15 5.98 -19.13
CA VAL A 121 9.90 6.63 -19.46
C VAL A 121 9.31 6.11 -20.76
N SER A 122 8.00 5.89 -20.62
CA SER A 122 7.22 5.36 -21.74
C SER A 122 5.82 5.99 -21.71
N ILE A 123 5.37 6.49 -22.86
CA ILE A 123 4.09 7.09 -23.12
C ILE A 123 3.24 6.25 -24.07
N PHE A 124 1.94 6.24 -23.79
CA PHE A 124 0.95 5.47 -24.52
C PHE A 124 -0.32 6.27 -24.78
N PRO A 125 -0.79 6.32 -26.03
CA PRO A 125 -2.01 7.01 -26.39
C PRO A 125 -3.24 6.18 -26.05
N PRO A 126 -4.40 6.83 -26.01
CA PRO A 126 -5.65 6.16 -25.78
C PRO A 126 -5.84 5.00 -26.76
N SER A 127 -6.53 3.96 -26.28
CA SER A 127 -6.80 2.83 -27.16
C SER A 127 -8.06 3.12 -27.97
N SER A 128 -8.17 2.36 -29.07
CA SER A 128 -9.31 2.52 -29.97
C SER A 128 -10.55 2.09 -29.20
N GLU A 129 -10.39 1.07 -28.37
CA GLU A 129 -11.43 0.59 -27.50
C GLU A 129 -11.96 1.66 -26.57
N GLN A 130 -11.10 2.53 -26.01
CA GLN A 130 -11.60 3.55 -25.10
C GLN A 130 -12.29 4.69 -25.84
N LEU A 131 -12.02 4.85 -27.13
CA LEU A 131 -12.59 5.93 -27.93
C LEU A 131 -14.06 5.70 -28.29
N THR A 132 -14.68 4.62 -27.84
CA THR A 132 -16.10 4.39 -28.02
C THR A 132 -16.85 5.15 -26.92
N SER A 133 -16.15 5.41 -25.82
CA SER A 133 -16.71 6.15 -24.70
C SER A 133 -16.48 7.64 -24.94
N GLY A 134 -16.81 8.48 -23.98
CA GLY A 134 -16.60 9.90 -24.06
C GLY A 134 -15.30 10.39 -23.44
N GLY A 135 -14.39 9.47 -23.10
CA GLY A 135 -13.13 9.81 -22.47
C GLY A 135 -11.95 9.19 -23.22
N ALA A 136 -10.82 9.87 -23.08
CA ALA A 136 -9.56 9.53 -23.66
C ALA A 136 -8.46 9.74 -22.61
N SER A 137 -7.77 8.65 -22.33
CA SER A 137 -6.68 8.66 -21.36
C SER A 137 -5.32 8.27 -21.95
N VAL A 138 -4.33 9.10 -21.69
CA VAL A 138 -2.94 8.95 -22.05
C VAL A 138 -2.29 8.49 -20.74
N VAL A 139 -1.45 7.49 -20.85
CA VAL A 139 -0.78 6.88 -19.72
C VAL A 139 0.73 7.05 -19.81
N CYS A 140 1.38 7.46 -18.72
CA CYS A 140 2.83 7.55 -18.74
C CYS A 140 3.41 6.68 -17.64
N PHE A 141 4.40 5.86 -17.98
CA PHE A 141 5.07 5.00 -17.04
C PHE A 141 6.53 5.44 -16.82
N LEU A 142 6.84 5.72 -15.56
CA LEU A 142 8.18 6.19 -15.19
C LEU A 142 8.71 5.11 -14.23
N ASN A 143 9.53 4.21 -14.78
CA ASN A 143 9.80 3.00 -13.99
C ASN A 143 11.25 2.76 -13.62
N ASN A 144 11.48 1.97 -12.59
CA ASN A 144 12.76 1.59 -12.06
C ASN A 144 13.74 2.76 -11.86
N PHE A 145 13.27 3.77 -11.13
CA PHE A 145 14.09 4.94 -10.84
C PHE A 145 14.52 5.01 -9.38
N TYR A 146 15.40 5.94 -9.06
CA TYR A 146 15.90 6.17 -7.71
C TYR A 146 16.60 7.52 -7.67
N PRO A 147 16.28 8.35 -6.69
CA PRO A 147 15.40 8.04 -5.59
C PRO A 147 13.91 8.20 -5.85
N ARG A 148 13.08 8.08 -4.82
CA ARG A 148 11.63 8.08 -4.98
C ARG A 148 11.02 9.43 -5.35
N ASP A 149 11.59 10.54 -4.91
CA ASP A 149 11.04 11.85 -5.20
C ASP A 149 11.02 12.04 -6.71
N ILE A 150 9.88 12.34 -7.32
CA ILE A 150 9.89 12.53 -8.77
C ILE A 150 8.72 13.42 -9.16
N ASN A 151 8.85 14.22 -10.21
CA ASN A 151 7.74 15.06 -10.66
C ASN A 151 7.38 14.71 -12.12
N VAL A 152 6.09 14.65 -12.42
CA VAL A 152 5.59 14.37 -13.74
C VAL A 152 4.76 15.59 -14.18
N LYS A 153 4.99 16.02 -15.40
CA LYS A 153 4.30 17.13 -16.02
C LYS A 153 3.70 16.62 -17.34
N TRP A 154 2.46 17.03 -17.53
CA TRP A 154 1.69 16.59 -18.71
C TRP A 154 1.45 17.77 -19.64
N LYS A 155 2.08 17.73 -20.82
CA LYS A 155 1.96 18.84 -21.75
C LYS A 155 1.08 18.52 -22.97
N ILE A 156 0.11 19.41 -23.17
CA ILE A 156 -0.82 19.24 -24.31
C ILE A 156 -0.44 20.38 -25.27
N ASP A 157 0.19 19.98 -26.38
CA ASP A 157 0.68 20.94 -27.36
C ASP A 157 1.76 21.83 -26.76
N GLY A 158 2.70 21.24 -26.03
CA GLY A 158 3.75 21.97 -25.34
C GLY A 158 3.15 22.87 -24.26
N SER A 159 1.95 22.65 -23.77
CA SER A 159 1.37 23.53 -22.76
C SER A 159 0.80 22.70 -21.62
N GLU A 160 1.45 22.84 -20.47
CA GLU A 160 1.02 22.15 -19.26
C GLU A 160 -0.50 22.12 -19.08
N ARG A 161 -0.97 20.97 -18.62
CA ARG A 161 -2.33 20.67 -18.23
C ARG A 161 -2.23 20.15 -16.77
N GLN A 162 -3.02 20.73 -15.87
CA GLN A 162 -2.99 20.29 -14.49
C GLN A 162 -4.35 19.75 -14.08
N ASN A 163 -4.33 18.55 -13.51
CA ASN A 163 -5.53 17.87 -13.05
C ASN A 163 -6.35 17.26 -14.19
N GLY A 164 -6.90 16.11 -13.82
CA GLY A 164 -7.61 15.12 -14.61
C GLY A 164 -6.59 13.95 -14.70
N VAL A 165 -5.50 14.17 -13.98
CA VAL A 165 -4.34 13.33 -13.82
C VAL A 165 -4.57 12.36 -12.66
N LEU A 166 -4.07 11.15 -12.78
CA LEU A 166 -4.20 10.13 -11.74
C LEU A 166 -2.82 9.53 -11.52
N ASN A 167 -2.16 9.86 -10.42
CA ASN A 167 -0.81 9.34 -10.19
C ASN A 167 -0.74 8.27 -9.11
N SER A 168 0.11 7.27 -9.36
CA SER A 168 0.27 6.14 -8.46
C SER A 168 1.69 5.57 -8.50
N TRP A 169 2.19 5.31 -7.30
CA TRP A 169 3.53 4.84 -7.03
C TRP A 169 3.61 3.39 -6.55
N THR A 170 4.65 2.66 -6.94
CA THR A 170 4.80 1.31 -6.38
C THR A 170 5.67 1.46 -5.12
N ASP A 171 5.74 0.40 -4.32
CA ASP A 171 6.63 0.47 -3.15
C ASP A 171 8.01 0.03 -3.64
N GLN A 172 9.06 0.32 -2.90
CA GLN A 172 10.41 -0.05 -3.30
C GLN A 172 10.47 -1.49 -3.76
N ASP A 173 10.93 -1.65 -5.00
CA ASP A 173 11.04 -2.99 -5.57
C ASP A 173 11.84 -3.86 -4.62
N SER A 174 11.42 -5.09 -4.42
CA SER A 174 12.10 -6.03 -3.55
C SER A 174 13.37 -6.62 -4.13
N LYS A 175 13.50 -6.66 -5.46
CA LYS A 175 14.71 -7.20 -6.06
C LYS A 175 15.76 -6.14 -6.36
N ASP A 176 15.37 -4.99 -6.91
CA ASP A 176 16.37 -3.98 -7.25
C ASP A 176 16.33 -2.68 -6.49
N SER A 177 15.44 -2.53 -5.52
CA SER A 177 15.32 -1.36 -4.67
C SER A 177 14.94 -0.06 -5.37
N THR A 178 14.35 -0.12 -6.56
CA THR A 178 13.98 1.07 -7.29
C THR A 178 12.50 1.35 -7.03
N TYR A 179 11.98 2.38 -7.68
CA TYR A 179 10.60 2.79 -7.58
C TYR A 179 10.05 2.96 -9.00
N SER A 180 8.73 2.83 -9.10
CA SER A 180 8.06 3.03 -10.37
C SER A 180 6.88 3.97 -10.12
N MET A 181 6.41 4.61 -11.19
CA MET A 181 5.30 5.54 -11.06
C MET A 181 4.49 5.58 -12.36
N SER A 182 3.17 5.48 -12.24
CA SER A 182 2.32 5.61 -13.40
C SER A 182 1.57 6.94 -13.29
N SER A 183 1.36 7.60 -14.42
CA SER A 183 0.58 8.82 -14.51
C SER A 183 -0.45 8.65 -15.63
N THR A 184 -1.71 9.01 -15.40
CA THR A 184 -2.76 8.88 -16.39
C THR A 184 -3.52 10.19 -16.51
N LEU A 185 -3.61 10.68 -17.74
CA LEU A 185 -4.31 11.93 -18.00
C LEU A 185 -5.62 11.58 -18.71
N THR A 186 -6.75 11.79 -18.04
CA THR A 186 -8.00 11.42 -18.70
C THR A 186 -8.68 12.68 -19.19
N LEU A 187 -8.81 12.73 -20.52
CA LEU A 187 -9.50 13.89 -21.08
C LEU A 187 -10.82 13.49 -21.75
N THR A 188 -11.66 14.51 -21.97
CA THR A 188 -12.89 14.27 -22.72
C THR A 188 -12.38 13.91 -24.13
N LYS A 189 -13.01 12.95 -24.79
CA LYS A 189 -12.64 12.53 -26.12
C LYS A 189 -12.54 13.67 -27.11
N ASP A 190 -13.51 14.58 -27.16
CA ASP A 190 -13.45 15.71 -28.06
C ASP A 190 -12.25 16.60 -27.76
N GLU A 191 -11.93 16.88 -26.49
CA GLU A 191 -10.75 17.68 -26.22
C GLU A 191 -9.48 16.92 -26.61
N TYR A 192 -9.48 15.60 -26.58
CA TYR A 192 -8.29 14.85 -26.97
C TYR A 192 -8.01 14.98 -28.47
N GLU A 193 -9.06 15.19 -29.27
CA GLU A 193 -8.91 15.25 -30.70
C GLU A 193 -8.71 16.66 -31.23
N ARG A 194 -8.63 17.66 -30.37
CA ARG A 194 -8.42 19.03 -30.78
C ARG A 194 -6.93 19.34 -30.69
N HIS A 195 -6.19 18.46 -30.04
CA HIS A 195 -4.75 18.62 -29.81
C HIS A 195 -3.99 17.40 -30.30
N ASN A 196 -2.85 17.56 -30.97
CA ASN A 196 -2.16 16.39 -31.52
C ASN A 196 -0.87 16.02 -30.83
N SER A 197 -0.21 16.93 -30.12
CA SER A 197 1.06 16.62 -29.46
C SER A 197 0.83 16.30 -27.99
N TYR A 198 1.28 15.14 -27.53
CA TYR A 198 1.06 14.74 -26.14
C TYR A 198 2.41 14.40 -25.54
N THR A 199 2.72 15.09 -24.44
CA THR A 199 4.05 14.88 -23.84
C THR A 199 3.93 14.58 -22.35
N CYS A 200 4.72 13.61 -21.93
CA CYS A 200 4.87 13.23 -20.53
C CYS A 200 6.29 13.61 -20.10
N GLU A 201 6.43 14.63 -19.27
CA GLU A 201 7.74 15.12 -18.86
C GLU A 201 8.15 14.77 -17.43
N ALA A 202 9.30 14.13 -17.30
CA ALA A 202 9.80 13.79 -15.98
C ALA A 202 11.03 14.60 -15.56
N THR A 203 10.92 15.22 -14.40
CA THR A 203 12.05 15.96 -13.80
C THR A 203 12.45 15.24 -12.52
N HIS A 204 13.69 14.75 -12.48
CA HIS A 204 14.12 13.93 -11.34
C HIS A 204 15.44 14.26 -10.68
N LYS A 205 16.52 13.53 -10.92
CA LYS A 205 17.79 13.76 -10.23
C LYS A 205 18.97 13.38 -11.13
N THR A 206 18.68 12.80 -12.29
CA THR A 206 19.78 12.51 -13.22
C THR A 206 20.40 13.86 -13.56
N SER A 207 19.63 14.67 -14.28
CA SER A 207 20.04 16.02 -14.65
C SER A 207 18.87 16.98 -14.50
N THR A 208 19.08 18.24 -14.80
CA THR A 208 18.03 19.24 -14.67
C THR A 208 17.43 19.66 -15.99
N SER A 209 16.30 19.04 -16.33
CA SER A 209 15.50 19.26 -17.51
C SER A 209 14.90 17.99 -18.11
N PRO A 210 15.70 16.97 -18.30
CA PRO A 210 15.43 15.69 -18.85
C PRO A 210 14.12 15.12 -19.34
N ILE A 211 14.13 13.79 -19.32
CA ILE A 211 13.24 12.77 -19.74
C ILE A 211 11.84 13.23 -20.14
N VAL A 212 11.69 13.32 -21.47
CA VAL A 212 10.46 13.68 -22.13
C VAL A 212 10.12 12.62 -23.18
N LYS A 213 8.92 12.08 -23.14
CA LYS A 213 8.48 11.14 -24.17
C LYS A 213 7.21 11.73 -24.76
N SER A 214 7.07 11.64 -26.08
CA SER A 214 5.91 12.20 -26.76
C SER A 214 5.35 11.27 -27.84
N PHE A 215 4.19 11.63 -28.34
CA PHE A 215 3.53 10.97 -29.46
C PHE A 215 2.61 12.02 -30.08
N ASN A 216 2.39 11.94 -31.38
CA ASN A 216 1.50 12.88 -32.05
C ASN A 216 0.25 12.10 -32.47
N ARG A 217 -0.91 12.74 -32.33
CA ARG A 217 -2.20 12.19 -32.72
C ARG A 217 -2.25 12.00 -34.25
N ASN A 218 -1.57 12.83 -35.02
CA ASN A 218 -1.52 12.80 -36.48
C ASN A 218 -0.75 11.58 -37.00
N GLU A 219 0.14 11.06 -36.14
CA GLU A 219 0.91 9.90 -36.59
C GLU A 219 0.32 8.63 -36.01
N CYS A 220 0.45 7.58 -36.81
CA CYS A 220 0.07 6.24 -36.49
C CYS A 220 -1.40 5.96 -36.24
N ALA A 221 -1.71 4.73 -36.66
CA ALA A 221 -2.99 4.07 -36.57
C ALA A 221 -2.84 2.77 -37.38
N GLU B 1 3.05 -20.20 16.44
CA GLU B 1 2.41 -20.89 17.60
C GLU B 1 0.89 -20.66 17.60
N VAL B 2 0.45 -19.54 18.13
CA VAL B 2 -0.97 -19.20 18.18
C VAL B 2 -1.44 -18.68 16.82
N GLN B 3 -2.76 -18.62 16.62
CA GLN B 3 -3.29 -18.12 15.36
C GLN B 3 -4.56 -17.29 15.55
N LEU B 4 -4.54 -16.10 14.94
CA LEU B 4 -5.70 -15.23 14.95
C LEU B 4 -6.12 -15.03 13.50
N GLN B 5 -7.41 -15.02 13.25
CA GLN B 5 -7.98 -14.90 11.91
C GLN B 5 -9.20 -13.98 11.85
N GLU B 6 -9.09 -12.97 11.01
CA GLU B 6 -10.15 -11.99 10.79
C GLU B 6 -11.15 -12.58 9.80
N SER B 7 -12.43 -12.51 10.10
CA SER B 7 -13.49 -13.00 9.24
C SER B 7 -14.57 -11.91 9.18
N GLY B 8 -15.08 -11.58 8.00
CA GLY B 8 -16.12 -10.59 7.85
C GLY B 8 -16.21 -10.08 6.42
N PRO B 9 -17.14 -9.16 6.17
CA PRO B 9 -17.36 -8.56 4.88
C PRO B 9 -16.22 -7.63 4.47
N SER B 10 -16.10 -7.38 3.17
CA SER B 10 -15.04 -6.51 2.67
C SER B 10 -15.57 -5.11 2.34
N LEU B 11 -16.87 -5.05 2.05
CA LEU B 11 -17.48 -3.78 1.68
C LEU B 11 -18.73 -3.49 2.49
N VAL B 12 -18.82 -2.28 3.04
CA VAL B 12 -20.01 -1.93 3.81
C VAL B 12 -20.52 -0.57 3.37
N LYS B 13 -21.84 -0.42 3.46
CA LYS B 13 -22.50 0.84 3.10
C LYS B 13 -22.47 1.82 4.25
N PRO B 14 -22.25 3.10 3.97
CA PRO B 14 -22.26 4.15 4.95
C PRO B 14 -23.51 4.09 5.79
N SER B 15 -23.43 4.41 7.07
CA SER B 15 -24.50 4.37 8.04
C SER B 15 -24.78 2.97 8.57
N GLN B 16 -24.30 1.94 7.90
CA GLN B 16 -24.47 0.57 8.31
C GLN B 16 -23.47 0.26 9.44
N THR B 17 -23.75 -0.82 10.16
CA THR B 17 -22.87 -1.27 11.24
C THR B 17 -21.83 -2.21 10.63
N LEU B 18 -20.58 -2.06 11.01
CA LEU B 18 -19.51 -2.94 10.52
C LEU B 18 -19.31 -4.09 11.49
N SER B 19 -19.41 -5.33 10.98
CA SER B 19 -19.29 -6.50 11.84
C SER B 19 -18.18 -7.47 11.42
N LEU B 20 -17.29 -7.76 12.37
CA LEU B 20 -16.15 -8.62 12.16
C LEU B 20 -15.98 -9.66 13.27
N THR B 21 -15.38 -10.78 12.90
CA THR B 21 -15.10 -11.85 13.88
C THR B 21 -13.60 -12.14 13.98
N CYS B 22 -13.09 -12.30 15.20
CA CYS B 22 -11.70 -12.69 15.37
C CYS B 22 -11.76 -14.12 15.95
N SER B 23 -11.20 -15.09 15.21
CA SER B 23 -11.26 -16.46 15.75
C SER B 23 -9.84 -16.80 16.18
N VAL B 24 -9.73 -17.30 17.39
CA VAL B 24 -8.47 -17.62 18.04
C VAL B 24 -8.18 -19.11 18.14
N THR B 25 -7.14 -19.58 17.47
CA THR B 25 -6.76 -20.98 17.51
C THR B 25 -5.32 -21.05 18.04
N GLY B 26 -5.10 -21.92 19.01
CA GLY B 26 -3.76 -22.06 19.58
C GLY B 26 -3.80 -21.64 21.03
N ASP B 27 -4.82 -20.89 21.43
CA ASP B 27 -4.89 -20.46 22.83
C ASP B 27 -6.30 -19.99 23.19
N SER B 28 -6.61 -20.04 24.47
CA SER B 28 -7.91 -19.66 25.00
C SER B 28 -8.01 -18.16 25.22
N ILE B 29 -9.24 -17.65 25.09
CA ILE B 29 -9.43 -16.20 25.32
C ILE B 29 -9.86 -15.96 26.76
N THR B 30 -9.90 -17.06 27.53
CA THR B 30 -10.20 -17.06 28.95
C THR B 30 -9.03 -16.53 29.77
N SER B 31 -7.87 -16.33 29.16
CA SER B 31 -6.68 -15.71 29.74
C SER B 31 -6.24 -14.58 28.80
N GLY B 32 -5.83 -13.45 29.35
CA GLY B 32 -5.35 -12.34 28.57
C GLY B 32 -6.37 -11.34 28.04
N TYR B 33 -5.81 -10.41 27.25
CA TYR B 33 -6.52 -9.33 26.60
C TYR B 33 -6.55 -9.55 25.09
N TRP B 34 -7.66 -9.21 24.46
CA TRP B 34 -7.89 -9.45 23.04
C TRP B 34 -8.43 -8.16 22.43
N ASN B 35 -7.71 -7.70 21.40
CA ASN B 35 -8.06 -6.37 20.88
C ASN B 35 -8.27 -6.29 19.39
N TRP B 36 -8.67 -5.07 19.03
CA TRP B 36 -8.88 -4.71 17.64
C TRP B 36 -8.07 -3.43 17.39
N ILE B 37 -7.25 -3.45 16.35
CA ILE B 37 -6.44 -2.32 15.92
C ILE B 37 -6.75 -2.02 14.44
N ARG B 38 -6.62 -0.78 13.95
CA ARG B 38 -6.95 -0.59 12.53
C ARG B 38 -5.85 0.29 11.91
N LYS B 39 -5.59 0.04 10.65
CA LYS B 39 -4.60 0.80 9.90
C LYS B 39 -5.25 1.66 8.83
N PHE B 40 -5.15 2.97 8.88
CA PHE B 40 -5.81 3.85 7.92
C PHE B 40 -4.97 4.03 6.67
N PRO B 41 -5.62 4.49 5.61
CA PRO B 41 -4.87 4.79 4.39
C PRO B 41 -3.91 5.88 4.84
N GLY B 42 -2.62 5.81 4.53
CA GLY B 42 -1.70 6.84 5.03
C GLY B 42 -0.87 6.25 6.18
N ASN B 43 -1.22 5.02 6.50
CA ASN B 43 -0.62 4.14 7.45
C ASN B 43 -0.59 4.51 8.92
N LYS B 44 -1.45 5.39 9.43
CA LYS B 44 -1.46 5.55 10.90
C LYS B 44 -2.25 4.37 11.47
N LEU B 45 -1.93 3.93 12.67
CA LEU B 45 -2.64 2.85 13.36
C LEU B 45 -3.46 3.46 14.49
N GLU B 46 -4.59 2.85 14.80
CA GLU B 46 -5.44 3.29 15.89
C GLU B 46 -5.87 2.10 16.73
N TYR B 47 -5.56 2.17 18.03
CA TYR B 47 -5.94 1.14 18.99
C TYR B 47 -7.44 1.29 19.19
N MET B 48 -8.24 0.30 18.81
CA MET B 48 -9.69 0.51 18.88
C MET B 48 -10.27 0.15 20.25
N GLY B 49 -9.82 -0.96 20.81
CA GLY B 49 -10.31 -1.37 22.13
C GLY B 49 -10.00 -2.82 22.47
N TYR B 50 -10.45 -3.32 23.63
CA TYR B 50 -10.26 -4.72 23.98
C TYR B 50 -11.49 -5.34 24.64
N ILE B 51 -11.39 -6.64 24.84
CA ILE B 51 -12.30 -7.46 25.59
C ILE B 51 -11.37 -8.38 26.41
N SER B 52 -11.50 -8.34 27.72
CA SER B 52 -10.65 -9.10 28.63
C SER B 52 -10.99 -10.57 28.75
N TYR B 53 -10.13 -11.26 29.51
CA TYR B 53 -10.32 -12.67 29.83
C TYR B 53 -11.64 -12.90 30.56
N SER B 54 -12.07 -11.97 31.39
CA SER B 54 -13.30 -11.94 32.12
C SER B 54 -14.44 -11.32 31.32
N GLY B 55 -14.21 -10.88 30.08
CA GLY B 55 -15.31 -10.29 29.32
C GLY B 55 -15.45 -8.79 29.52
N SER B 56 -14.58 -8.20 30.33
CA SER B 56 -14.65 -6.74 30.52
C SER B 56 -14.17 -6.09 29.24
N THR B 57 -14.66 -4.89 28.92
CA THR B 57 -14.17 -4.20 27.72
C THR B 57 -13.52 -2.85 27.99
N TYR B 58 -12.72 -2.44 27.01
CA TYR B 58 -12.17 -1.09 27.03
C TYR B 58 -12.33 -0.53 25.60
N TYR B 59 -12.92 0.66 25.48
CA TYR B 59 -13.05 1.23 24.14
C TYR B 59 -12.35 2.60 24.07
N ASN B 60 -11.57 2.80 23.03
CA ASN B 60 -10.93 4.08 22.78
C ASN B 60 -12.01 5.17 22.73
N PRO B 61 -11.75 6.27 23.41
CA PRO B 61 -12.61 7.44 23.43
C PRO B 61 -12.87 8.03 22.05
N SER B 62 -11.98 7.80 21.09
CA SER B 62 -12.05 8.25 19.73
C SER B 62 -13.14 7.55 18.93
N LEU B 63 -13.56 6.38 19.38
CA LEU B 63 -14.63 5.62 18.73
C LEU B 63 -15.97 5.94 19.39
N LYS B 64 -16.03 7.12 20.01
CA LYS B 64 -17.16 7.67 20.72
C LYS B 64 -18.01 6.57 21.31
N SER B 65 -19.24 6.38 20.88
CA SER B 65 -20.02 5.29 21.48
C SER B 65 -20.34 4.25 20.43
N ARG B 66 -19.67 4.33 19.29
CA ARG B 66 -19.95 3.45 18.17
C ARG B 66 -19.44 2.02 18.26
N LEU B 67 -18.38 1.80 19.02
CA LEU B 67 -17.75 0.47 19.05
C LEU B 67 -18.17 -0.38 20.21
N SER B 68 -18.45 -1.64 20.00
CA SER B 68 -18.72 -2.62 21.04
C SER B 68 -18.00 -3.91 20.64
N ILE B 69 -17.48 -4.60 21.65
CA ILE B 69 -16.74 -5.86 21.46
C ILE B 69 -17.38 -6.94 22.33
N THR B 70 -17.69 -8.08 21.71
CA THR B 70 -18.33 -9.19 22.41
C THR B 70 -17.47 -10.44 22.19
N ARG B 71 -17.81 -11.55 22.84
CA ARG B 71 -17.07 -12.79 22.71
C ARG B 71 -17.91 -14.03 22.94
N ASP B 72 -17.32 -15.14 22.50
CA ASP B 72 -17.94 -16.45 22.65
C ASP B 72 -16.83 -17.41 23.08
N THR B 73 -16.69 -17.57 24.40
CA THR B 73 -15.63 -18.39 24.97
C THR B 73 -15.72 -19.87 24.62
N SER B 74 -16.91 -20.40 24.38
CA SER B 74 -17.11 -21.80 23.99
C SER B 74 -17.21 -21.93 22.47
N ARG B 75 -16.28 -21.31 21.78
CA ARG B 75 -16.07 -21.18 20.36
C ARG B 75 -14.81 -20.34 20.08
N ASN B 76 -14.16 -19.84 21.13
CA ASN B 76 -12.94 -19.07 21.10
C ASN B 76 -12.89 -17.96 20.06
N GLN B 77 -13.93 -17.14 20.06
CA GLN B 77 -14.12 -16.06 19.13
C GLN B 77 -14.48 -14.77 19.86
N TYR B 78 -14.03 -13.65 19.33
CA TYR B 78 -14.41 -12.34 19.87
C TYR B 78 -14.83 -11.51 18.66
N TYR B 79 -15.81 -10.63 18.82
CA TYR B 79 -16.41 -9.87 17.75
C TYR B 79 -16.35 -8.36 17.91
N LEU B 80 -16.26 -7.65 16.79
CA LEU B 80 -16.24 -6.21 16.74
C LEU B 80 -17.55 -5.78 16.07
N GLN B 81 -18.14 -4.74 16.63
CA GLN B 81 -19.35 -4.13 16.12
C GLN B 81 -19.12 -2.60 16.17
N LEU B 82 -19.03 -2.04 14.97
CA LEU B 82 -18.78 -0.62 14.79
C LEU B 82 -19.96 0.00 14.06
N LYS B 83 -20.79 0.77 14.75
CA LYS B 83 -21.94 1.40 14.15
C LYS B 83 -21.64 2.66 13.34
N SER B 84 -22.63 2.97 12.50
CA SER B 84 -22.68 4.14 11.65
C SER B 84 -21.39 4.53 10.97
N VAL B 85 -20.86 3.65 10.12
CA VAL B 85 -19.61 3.80 9.42
C VAL B 85 -19.63 4.72 8.21
N THR B 86 -18.79 5.74 8.24
CA THR B 86 -18.68 6.69 7.12
C THR B 86 -17.59 6.15 6.21
N PRO B 87 -17.33 6.77 5.07
CA PRO B 87 -16.27 6.36 4.17
C PRO B 87 -14.92 6.31 4.86
N GLU B 88 -14.68 7.15 5.84
CA GLU B 88 -13.48 7.23 6.62
C GLU B 88 -13.27 6.17 7.69
N ASP B 89 -13.99 5.05 7.64
CA ASP B 89 -13.77 3.92 8.52
C ASP B 89 -13.18 2.82 7.62
N THR B 90 -12.82 3.27 6.41
CA THR B 90 -12.20 2.40 5.43
C THR B 90 -10.80 2.09 5.92
N ALA B 91 -10.52 0.82 6.15
CA ALA B 91 -9.19 0.47 6.64
C ALA B 91 -9.00 -1.03 6.66
N THR B 92 -7.79 -1.43 7.05
CA THR B 92 -7.56 -2.86 7.29
C THR B 92 -7.63 -3.01 8.83
N TYR B 93 -8.49 -3.95 9.22
CA TYR B 93 -8.80 -4.26 10.60
C TYR B 93 -8.08 -5.55 11.00
N TYR B 94 -7.37 -5.45 12.11
CA TYR B 94 -6.61 -6.56 12.63
C TYR B 94 -7.10 -6.88 14.04
N CYS B 95 -7.09 -8.17 14.36
CA CYS B 95 -7.37 -8.51 15.77
C CYS B 95 -5.97 -8.81 16.31
N ALA B 96 -5.73 -8.66 17.60
CA ALA B 96 -4.41 -8.95 18.11
C ALA B 96 -4.35 -9.01 19.63
N SER B 97 -3.27 -9.64 20.08
CA SER B 97 -2.97 -9.78 21.50
C SER B 97 -1.77 -8.92 21.89
N PRO B 98 -1.86 -8.28 23.05
CA PRO B 98 -0.80 -7.44 23.57
C PRO B 98 0.44 -8.28 23.82
N PRO B 99 1.59 -7.61 23.87
CA PRO B 99 2.85 -8.27 24.14
C PRO B 99 2.75 -9.01 25.47
N GLY B 100 3.33 -10.19 25.50
CA GLY B 100 3.38 -11.03 26.70
C GLY B 100 4.60 -11.94 26.52
N TYR B 101 4.68 -13.02 27.26
CA TYR B 101 5.76 -13.99 27.12
C TYR B 101 5.05 -15.31 26.80
N TYR B 102 5.38 -16.35 27.54
CA TYR B 102 4.72 -17.60 27.60
C TYR B 102 5.40 -18.94 27.39
N GLY B 103 4.72 -19.87 28.08
CA GLY B 103 5.08 -21.28 28.21
C GLY B 103 6.28 -21.19 29.17
N SER B 104 7.43 -21.37 28.54
CA SER B 104 8.73 -21.20 29.17
C SER B 104 9.30 -19.93 28.50
N GLY B 105 10.36 -20.07 27.73
CA GLY B 105 10.95 -19.01 26.97
C GLY B 105 11.32 -17.71 27.62
N PRO B 106 12.34 -17.07 27.03
CA PRO B 106 12.86 -15.82 27.48
C PRO B 106 12.23 -14.59 26.87
N TYR B 107 11.67 -14.78 25.66
CA TYR B 107 11.25 -13.61 24.91
C TYR B 107 9.81 -13.20 24.84
N ALA B 108 9.63 -11.87 24.86
CA ALA B 108 8.33 -11.25 24.70
C ALA B 108 7.96 -11.38 23.22
N MET B 109 6.69 -11.63 22.97
CA MET B 109 6.14 -11.84 21.65
C MET B 109 4.72 -11.25 21.68
N ASP B 110 4.03 -11.32 20.57
CA ASP B 110 2.64 -10.88 20.46
C ASP B 110 2.05 -11.63 19.26
N TYR B 111 0.75 -11.55 19.05
CA TYR B 111 0.07 -12.31 18.02
C TYR B 111 -0.92 -11.42 17.27
N TRP B 112 -0.75 -11.39 15.96
CA TRP B 112 -1.59 -10.58 15.10
C TRP B 112 -2.25 -11.42 14.02
N GLY B 113 -3.52 -11.16 13.70
CA GLY B 113 -4.14 -11.87 12.57
C GLY B 113 -3.52 -11.18 11.33
N GLN B 114 -3.84 -11.67 10.15
CA GLN B 114 -3.38 -11.15 8.88
C GLN B 114 -4.03 -9.83 8.48
N GLY B 115 -5.20 -9.50 9.01
CA GLY B 115 -5.88 -8.27 8.70
C GLY B 115 -6.90 -8.36 7.56
N THR B 116 -7.97 -7.57 7.61
CA THR B 116 -8.98 -7.60 6.56
C THR B 116 -9.26 -6.20 6.04
N SER B 117 -9.13 -5.95 4.73
CA SER B 117 -9.36 -4.59 4.25
C SER B 117 -10.86 -4.34 4.13
N VAL B 118 -11.32 -3.25 4.73
CA VAL B 118 -12.74 -2.94 4.73
C VAL B 118 -12.96 -1.62 4.00
N THR B 119 -13.84 -1.72 3.01
CA THR B 119 -14.14 -0.54 2.21
C THR B 119 -15.48 0.06 2.61
N VAL B 120 -15.51 1.33 2.99
CA VAL B 120 -16.85 1.87 3.27
C VAL B 120 -17.26 2.81 2.15
N SER B 121 -18.24 2.43 1.35
CA SER B 121 -18.71 3.27 0.25
C SER B 121 -20.07 2.79 -0.25
N SER B 122 -20.80 3.70 -0.90
CA SER B 122 -22.12 3.35 -1.43
C SER B 122 -22.09 2.98 -2.90
N ALA B 123 -20.94 2.63 -3.47
CA ALA B 123 -20.85 2.27 -4.88
C ALA B 123 -21.42 0.88 -5.18
N LYS B 124 -21.58 0.60 -6.47
CA LYS B 124 -22.12 -0.69 -6.88
C LYS B 124 -21.09 -1.46 -7.69
N THR B 125 -21.27 -2.76 -7.83
CA THR B 125 -20.33 -3.61 -8.53
C THR B 125 -20.21 -3.20 -9.99
N THR B 126 -18.99 -2.80 -10.36
CA THR B 126 -18.77 -2.36 -11.73
C THR B 126 -17.47 -2.99 -12.24
N PRO B 127 -17.64 -3.87 -13.23
CA PRO B 127 -16.51 -4.50 -13.88
C PRO B 127 -15.62 -3.39 -14.43
N PRO B 128 -14.34 -3.65 -14.62
CA PRO B 128 -13.42 -2.66 -15.14
C PRO B 128 -13.41 -2.66 -16.65
N SER B 129 -13.06 -1.54 -17.26
CA SER B 129 -12.83 -1.46 -18.70
C SER B 129 -11.34 -1.75 -18.83
N VAL B 130 -10.95 -2.81 -19.51
CA VAL B 130 -9.54 -3.16 -19.64
C VAL B 130 -8.98 -2.77 -21.01
N TYR B 131 -8.11 -1.76 -21.03
CA TYR B 131 -7.50 -1.38 -22.29
C TYR B 131 -6.04 -1.77 -22.48
N PRO B 132 -5.72 -1.99 -23.76
CA PRO B 132 -4.35 -2.26 -24.16
C PRO B 132 -3.53 -0.98 -24.29
N LEU B 133 -2.32 -0.98 -23.78
CA LEU B 133 -1.39 0.12 -23.89
C LEU B 133 -0.20 -0.38 -24.76
N ALA B 134 -0.21 0.01 -26.03
CA ALA B 134 0.85 -0.31 -26.98
C ALA B 134 1.48 0.99 -27.46
N PRO B 135 2.78 1.04 -27.71
CA PRO B 135 3.44 2.30 -28.07
C PRO B 135 2.93 2.79 -29.41
N GLY B 136 3.02 4.08 -29.67
CA GLY B 136 2.58 4.63 -30.95
C GLY B 136 3.77 4.77 -31.91
N SER B 137 4.82 4.02 -31.68
CA SER B 137 6.05 4.07 -32.47
C SER B 137 7.14 3.23 -31.79
N ALA B 138 8.41 3.58 -31.99
CA ALA B 138 9.52 2.84 -31.40
C ALA B 138 10.85 3.56 -31.61
N GLN B 140 13.26 3.04 -34.02
CA GLN B 140 14.49 2.31 -34.26
C GLN B 140 14.93 1.48 -33.05
N THR B 141 15.53 2.13 -32.05
CA THR B 141 16.14 1.40 -30.96
C THR B 141 15.78 1.57 -29.50
N ASN B 142 16.40 0.70 -28.75
CA ASN B 142 16.93 -0.11 -27.77
C ASN B 142 16.25 -1.44 -27.59
N SER B 143 16.96 -2.33 -26.92
CA SER B 143 16.74 -3.71 -26.62
C SER B 143 15.49 -4.10 -25.86
N MET B 144 14.87 -3.15 -25.14
CA MET B 144 13.66 -3.44 -24.41
C MET B 144 12.50 -2.61 -24.96
N VAL B 145 11.32 -3.12 -24.67
CA VAL B 145 10.08 -2.44 -25.06
C VAL B 145 9.13 -2.63 -23.87
N THR B 146 8.44 -1.56 -23.52
CA THR B 146 7.51 -1.56 -22.41
C THR B 146 6.09 -1.43 -22.92
N LEU B 147 5.26 -2.39 -22.58
CA LEU B 147 3.85 -2.39 -22.94
C LEU B 147 3.04 -2.47 -21.64
N GLY B 148 1.73 -2.33 -21.65
CA GLY B 148 0.95 -2.41 -20.41
C GLY B 148 -0.54 -2.53 -20.60
N CYS B 149 -1.31 -2.43 -19.52
CA CYS B 149 -2.78 -2.48 -19.55
C CYS B 149 -3.38 -1.47 -18.58
N LEU B 150 -4.55 -0.93 -18.90
CA LEU B 150 -5.25 0.06 -18.12
C LEU B 150 -6.61 -0.47 -17.67
N VAL B 151 -6.76 -0.63 -16.35
CA VAL B 151 -7.96 -1.22 -15.77
C VAL B 151 -8.78 -0.12 -15.11
N LYS B 152 -9.73 0.47 -15.85
CA LYS B 152 -10.44 1.62 -15.28
C LYS B 152 -11.91 1.57 -14.98
N GLY B 153 -12.32 2.34 -13.97
CA GLY B 153 -13.71 2.39 -13.56
C GLY B 153 -14.23 1.12 -12.90
N TYR B 154 -13.46 0.45 -12.05
CA TYR B 154 -13.99 -0.77 -11.42
C TYR B 154 -14.30 -0.54 -9.94
N PHE B 155 -15.08 -1.46 -9.39
CA PHE B 155 -15.52 -1.46 -8.01
C PHE B 155 -16.07 -2.86 -7.69
N PRO B 156 -15.67 -3.38 -6.53
CA PRO B 156 -14.75 -2.75 -5.60
C PRO B 156 -13.34 -3.28 -5.74
N GLU B 157 -12.47 -3.03 -4.76
CA GLU B 157 -11.17 -3.72 -4.75
C GLU B 157 -11.46 -5.17 -4.37
N PRO B 158 -10.64 -6.10 -4.84
CA PRO B 158 -9.48 -5.80 -5.64
C PRO B 158 -9.54 -6.23 -7.10
N VAL B 159 -8.43 -6.02 -7.77
CA VAL B 159 -8.27 -6.48 -9.15
C VAL B 159 -6.97 -7.30 -9.16
N THR B 160 -6.88 -8.23 -10.10
CA THR B 160 -5.64 -8.99 -10.25
C THR B 160 -5.15 -8.90 -11.68
N VAL B 161 -3.84 -8.78 -11.87
CA VAL B 161 -3.23 -8.66 -13.17
C VAL B 161 -2.01 -9.58 -13.28
N THR B 162 -2.02 -10.39 -14.32
CA THR B 162 -0.94 -11.28 -14.70
C THR B 162 -0.57 -11.05 -16.16
N TRP B 163 0.64 -11.44 -16.56
CA TRP B 163 1.14 -11.26 -17.91
C TRP B 163 1.54 -12.59 -18.52
N ASN B 164 0.86 -12.98 -19.60
CA ASN B 164 1.07 -14.26 -20.25
C ASN B 164 0.89 -15.42 -19.29
N SER B 165 -0.12 -15.35 -18.44
CA SER B 165 -0.44 -16.39 -17.48
C SER B 165 0.64 -16.64 -16.44
N GLY B 166 1.49 -15.67 -16.13
CA GLY B 166 2.53 -15.85 -15.13
C GLY B 166 3.91 -16.05 -15.72
N SER B 167 4.00 -16.45 -16.99
CA SER B 167 5.27 -16.70 -17.65
C SER B 167 6.12 -15.45 -17.90
N LEU B 168 5.59 -14.27 -17.68
CA LEU B 168 6.27 -12.99 -17.69
C LEU B 168 6.15 -12.49 -16.25
N SER B 169 7.27 -12.27 -15.56
CA SER B 169 7.21 -11.81 -14.18
C SER B 169 8.24 -10.75 -13.82
N SER B 170 9.52 -11.04 -14.09
CA SER B 170 10.62 -10.16 -13.71
C SER B 170 10.49 -8.73 -14.18
N GLY B 171 9.86 -8.47 -15.32
CA GLY B 171 9.73 -7.12 -15.82
C GLY B 171 8.35 -6.53 -15.56
N VAL B 172 7.59 -7.10 -14.63
CA VAL B 172 6.26 -6.58 -14.34
C VAL B 172 6.20 -5.60 -13.17
N HIS B 173 5.37 -4.57 -13.37
CA HIS B 173 4.98 -3.57 -12.40
C HIS B 173 3.46 -3.38 -12.46
N THR B 174 2.77 -3.66 -11.36
CA THR B 174 1.34 -3.42 -11.26
C THR B 174 1.17 -2.32 -10.22
N PHE B 175 0.52 -1.22 -10.52
CA PHE B 175 0.45 -0.09 -9.61
C PHE B 175 -0.80 -0.08 -8.75
N PRO B 176 -0.65 0.39 -7.52
CA PRO B 176 -1.76 0.48 -6.60
C PRO B 176 -2.95 1.20 -7.25
N ALA B 177 -4.14 0.75 -6.96
CA ALA B 177 -5.38 1.31 -7.45
C ALA B 177 -5.72 2.68 -6.85
N VAL B 178 -6.20 3.58 -7.70
CA VAL B 178 -6.59 4.92 -7.28
C VAL B 178 -8.11 5.10 -7.33
N LEU B 179 -8.64 5.62 -6.23
CA LEU B 179 -10.09 5.88 -6.15
C LEU B 179 -10.43 7.22 -6.77
N GLN B 180 -11.14 7.21 -7.88
CA GLN B 180 -11.54 8.41 -8.60
C GLN B 180 -13.03 8.42 -8.89
N SER B 181 -13.71 9.46 -8.44
CA SER B 181 -15.16 9.64 -8.59
C SER B 181 -15.93 8.36 -8.34
N ASP B 182 -15.70 7.73 -7.20
CA ASP B 182 -16.26 6.53 -6.67
C ASP B 182 -15.76 5.25 -7.35
N LEU B 183 -14.94 5.36 -8.39
CA LEU B 183 -14.46 4.21 -9.10
C LEU B 183 -12.94 4.06 -9.02
N TYR B 184 -12.52 2.80 -9.02
CA TYR B 184 -11.10 2.50 -8.94
C TYR B 184 -10.48 2.35 -10.34
N THR B 185 -9.22 2.75 -10.43
CA THR B 185 -8.43 2.63 -11.64
C THR B 185 -7.00 2.22 -11.27
N LEU B 186 -6.50 1.28 -12.04
CA LEU B 186 -5.17 0.71 -11.92
C LEU B 186 -4.56 0.53 -13.31
N SER B 187 -3.26 0.37 -13.38
CA SER B 187 -2.51 0.10 -14.60
C SER B 187 -1.40 -0.90 -14.23
N SER B 188 -0.87 -1.57 -15.21
CA SER B 188 0.21 -2.52 -15.08
C SER B 188 1.17 -2.37 -16.26
N SER B 189 2.46 -2.58 -16.03
CA SER B 189 3.38 -2.54 -17.17
C SER B 189 4.26 -3.79 -17.19
N VAL B 190 4.76 -4.10 -18.37
CA VAL B 190 5.66 -5.21 -18.62
C VAL B 190 6.63 -4.81 -19.72
N THR B 191 7.91 -4.95 -19.44
CA THR B 191 9.05 -4.66 -20.28
C THR B 191 9.66 -5.98 -20.73
N VAL B 192 9.75 -6.17 -22.04
CA VAL B 192 10.27 -7.39 -22.65
C VAL B 192 11.24 -6.91 -23.75
N PRO B 193 12.10 -7.82 -24.17
CA PRO B 193 13.06 -7.53 -25.22
C PRO B 193 12.29 -7.31 -26.52
N SER B 194 12.73 -6.32 -27.30
CA SER B 194 12.07 -5.96 -28.54
C SER B 194 12.11 -7.03 -29.62
N SER B 195 12.97 -8.05 -29.48
CA SER B 195 12.98 -9.17 -30.39
C SER B 195 11.89 -10.18 -30.00
N THR B 196 11.16 -9.93 -28.90
CA THR B 196 10.09 -10.80 -28.48
C THR B 196 8.75 -10.19 -28.88
N TRP B 197 8.69 -8.87 -29.01
CA TRP B 197 7.45 -8.20 -29.40
C TRP B 197 7.75 -7.13 -30.45
N PRO B 198 6.90 -7.05 -31.46
CA PRO B 198 5.70 -7.86 -31.57
C PRO B 198 5.83 -9.23 -32.19
N SER B 199 7.03 -9.76 -32.28
CA SER B 199 7.25 -11.09 -32.84
C SER B 199 6.44 -12.15 -32.11
N GLU B 200 6.59 -12.21 -30.80
CA GLU B 200 5.91 -13.18 -29.94
C GLU B 200 4.95 -12.50 -28.97
N THR B 201 3.71 -12.93 -29.04
CA THR B 201 2.58 -12.44 -28.27
C THR B 201 2.76 -12.20 -26.80
N VAL B 202 2.19 -11.09 -26.30
CA VAL B 202 2.19 -10.76 -24.88
C VAL B 202 0.76 -10.34 -24.48
N THR B 203 0.24 -11.01 -23.46
CA THR B 203 -1.13 -10.77 -23.05
C THR B 203 -1.28 -10.39 -21.59
N CYS B 204 -2.22 -9.50 -21.28
CA CYS B 204 -2.49 -9.16 -19.88
C CYS B 204 -3.75 -9.93 -19.48
N ASN B 205 -3.68 -10.59 -18.34
CA ASN B 205 -4.76 -11.38 -17.79
C ASN B 205 -5.29 -10.59 -16.59
N VAL B 206 -6.42 -9.93 -16.75
CA VAL B 206 -7.07 -9.09 -15.76
C VAL B 206 -8.31 -9.77 -15.20
N ALA B 207 -8.38 -9.96 -13.90
CA ALA B 207 -9.54 -10.60 -13.28
C ALA B 207 -10.09 -9.74 -12.14
N HIS B 208 -11.41 -9.63 -12.03
CA HIS B 208 -12.03 -8.80 -11.00
C HIS B 208 -12.97 -9.46 -10.09
N PRO B 209 -12.75 -9.90 -8.87
CA PRO B 209 -13.39 -11.00 -8.26
C PRO B 209 -14.89 -10.80 -8.09
N ALA B 210 -15.29 -9.63 -7.62
CA ALA B 210 -16.67 -9.29 -7.36
C ALA B 210 -17.62 -9.25 -8.55
N SER B 211 -17.13 -9.20 -9.77
CA SER B 211 -17.98 -9.16 -10.95
C SER B 211 -17.58 -10.23 -11.96
N SER B 212 -16.99 -11.31 -11.48
CA SER B 212 -16.58 -12.45 -12.28
C SER B 212 -16.11 -12.07 -13.68
N THR B 213 -15.04 -11.28 -13.74
CA THR B 213 -14.52 -10.84 -15.03
C THR B 213 -13.30 -11.66 -15.43
N LYS B 214 -13.27 -12.05 -16.70
CA LYS B 214 -12.18 -12.83 -17.24
C LYS B 214 -11.67 -12.10 -18.48
N VAL B 215 -10.74 -11.15 -18.31
CA VAL B 215 -10.27 -10.42 -19.48
C VAL B 215 -8.82 -10.72 -19.84
N ASP B 216 -8.66 -11.10 -21.10
CA ASP B 216 -7.38 -11.37 -21.73
C ASP B 216 -7.29 -10.44 -22.95
N LYS B 217 -6.13 -9.82 -23.16
CA LYS B 217 -5.98 -8.92 -24.31
C LYS B 217 -4.53 -8.82 -24.73
N LYS B 218 -4.13 -9.64 -25.71
CA LYS B 218 -2.74 -9.59 -26.18
C LYS B 218 -2.50 -8.15 -26.65
N ILE B 219 -1.34 -7.58 -26.33
CA ILE B 219 -1.11 -6.19 -26.77
C ILE B 219 -0.55 -6.24 -28.19
N SER B 220 -1.32 -5.65 -29.09
CA SER B 220 -1.00 -5.56 -30.50
C SER B 220 -0.60 -4.15 -30.89
N PRO B 221 0.32 -4.04 -31.83
CA PRO B 221 0.78 -2.76 -32.34
C PRO B 221 -0.35 -1.91 -32.88
N GLY B 222 -0.08 -0.66 -33.19
CA GLY B 222 -1.08 0.26 -33.70
C GLY B 222 -0.63 1.71 -33.56
#